data_4PUR
#
_entry.id   4PUR
#
_cell.length_a   104.684
_cell.length_b   104.684
_cell.length_c   100.045
_cell.angle_alpha   90.000
_cell.angle_beta   90.000
_cell.angle_gamma   120.000
#
_symmetry.space_group_name_H-M   'P 61'
#
loop_
_entity.id
_entity.type
_entity.pdbx_description
1 polymer 'Macrophage growth locus, subunit A'
2 non-polymer D-MALATE
3 water water
#
_entity_poly.entity_id   1
_entity_poly.type   'polypeptide(L)'
_entity_poly.pdbx_seq_one_letter_code
;SNA(MSE)LLYTKKDDIYSDIVR(MSE)ILLIKGANAKIVDVSKEENSKHLEELNIITPNGNIPTLSTDDFAVYRLSVII
EAIEDLYPFPP(MSE)FPVFPKQRANARILLEYVNKTFLQNIIKLQSPDLDEKQANEIK(MSE)L(MSE)QRDIISTYKK
IVSEREVNAESNPDAQNINVLTLIITFVFYYFIKLKISIPTKDKNIIKEIKELLSEPNFIKTIKAKGA
;
_entity_poly.pdbx_strand_id   A,B
#
# COMPACT_ATOMS: atom_id res chain seq x y z
N ALA A 3 -13.91 -1.40 21.70
CA ALA A 3 -14.80 -0.38 21.15
C ALA A 3 -14.22 0.21 19.87
N LEU A 5 -14.91 2.12 15.99
CA LEU A 5 -15.84 3.01 15.31
C LEU A 5 -15.42 3.16 13.85
N LEU A 6 -16.19 2.56 12.94
CA LEU A 6 -15.83 2.57 11.53
C LEU A 6 -16.61 3.63 10.74
N TYR A 7 -15.90 4.66 10.28
CA TYR A 7 -16.52 5.69 9.43
C TYR A 7 -16.67 5.17 8.00
N THR A 8 -17.91 5.00 7.57
CA THR A 8 -18.20 4.49 6.25
C THR A 8 -19.00 5.49 5.44
N LYS A 9 -19.14 5.21 4.17
CA LYS A 9 -20.22 5.82 3.39
C LYS A 9 -20.89 4.77 2.52
N LYS A 10 -22.15 4.99 2.17
CA LYS A 10 -22.91 3.97 1.47
C LYS A 10 -22.43 3.81 0.05
N ASP A 11 -22.48 2.57 -0.44
CA ASP A 11 -22.05 2.19 -1.78
C ASP A 11 -20.54 2.38 -1.98
N ASP A 12 -19.78 2.15 -0.92
CA ASP A 12 -18.32 2.22 -1.01
C ASP A 12 -17.77 0.82 -0.80
N ILE A 13 -17.06 0.33 -1.81
CA ILE A 13 -16.64 -1.06 -1.80
C ILE A 13 -15.67 -1.33 -0.65
N TYR A 14 -14.84 -0.35 -0.35
CA TYR A 14 -13.89 -0.45 0.75
C TYR A 14 -14.61 -0.57 2.09
N SER A 15 -15.56 0.32 2.34
CA SER A 15 -16.38 0.27 3.55
C SER A 15 -17.04 -1.08 3.70
N ASP A 16 -17.62 -1.59 2.61
CA ASP A 16 -18.30 -2.88 2.64
C ASP A 16 -17.35 -4.04 2.95
N ILE A 17 -16.20 -4.07 2.27
CA ILE A 17 -15.16 -5.05 2.51
C ILE A 17 -14.79 -5.06 3.99
N VAL A 18 -14.53 -3.87 4.53
CA VAL A 18 -14.10 -3.74 5.92
C VAL A 18 -15.20 -4.17 6.90
N ARG A 19 -16.44 -3.73 6.65
CA ARG A 19 -17.56 -4.09 7.51
C ARG A 19 -17.74 -5.61 7.55
N ILE A 21 -15.22 -7.62 7.10
CA ILE A 21 -14.05 -8.09 7.83
C ILE A 21 -14.38 -8.13 9.31
N LEU A 22 -14.93 -7.03 9.81
CA LEU A 22 -15.33 -6.91 11.22
C LEU A 22 -16.43 -7.90 11.58
N LEU A 23 -17.38 -8.09 10.67
CA LEU A 23 -18.43 -9.09 10.82
C LEU A 23 -17.78 -10.44 11.12
N ILE A 24 -16.88 -10.85 10.23
CA ILE A 24 -16.20 -12.14 10.34
C ILE A 24 -15.34 -12.26 11.60
N LYS A 25 -14.66 -11.17 11.95
CA LYS A 25 -13.73 -11.18 13.08
C LYS A 25 -14.50 -11.28 14.39
N GLY A 26 -15.81 -11.03 14.34
CA GLY A 26 -16.63 -11.10 15.53
C GLY A 26 -16.51 -9.88 16.41
N ALA A 27 -15.65 -8.95 15.99
CA ALA A 27 -15.54 -7.66 16.65
C ALA A 27 -16.87 -6.96 16.54
N ASN A 28 -17.34 -6.38 17.63
CA ASN A 28 -18.51 -5.53 17.53
C ASN A 28 -18.08 -4.08 17.45
N ALA A 29 -18.46 -3.44 16.36
CA ALA A 29 -17.96 -2.11 16.03
C ALA A 29 -19.12 -1.20 15.68
N LYS A 30 -18.99 0.07 16.03
CA LYS A 30 -20.03 1.03 15.72
C LYS A 30 -19.76 1.60 14.32
N ILE A 31 -20.59 1.21 13.36
CA ILE A 31 -20.46 1.68 11.99
C ILE A 31 -21.20 3.00 11.89
N VAL A 32 -20.63 3.96 11.18
CA VAL A 32 -21.26 5.26 10.99
C VAL A 32 -21.26 5.73 9.54
N ASP A 33 -22.43 5.82 8.94
CA ASP A 33 -22.53 6.28 7.57
C ASP A 33 -22.34 7.78 7.58
N VAL A 34 -21.17 8.22 7.12
CA VAL A 34 -20.81 9.62 7.12
C VAL A 34 -21.60 10.39 6.05
N SER A 35 -22.12 9.68 5.06
CA SER A 35 -22.93 10.29 4.00
C SER A 35 -24.30 10.71 4.52
N LYS A 36 -24.75 10.00 5.57
CA LYS A 36 -26.02 10.32 6.23
C LYS A 36 -25.99 11.67 6.95
N GLU A 37 -27.09 12.40 6.82
CA GLU A 37 -27.27 13.71 7.45
C GLU A 37 -27.24 13.62 8.98
N GLU A 38 -27.90 12.61 9.53
CA GLU A 38 -28.01 12.44 10.98
C GLU A 38 -26.65 12.20 11.62
N ASN A 39 -25.65 11.88 10.82
CA ASN A 39 -24.32 11.65 11.34
C ASN A 39 -23.35 12.77 11.00
N SER A 40 -23.89 13.92 10.58
CA SER A 40 -23.07 15.05 10.18
C SER A 40 -21.99 15.41 11.21
N LYS A 41 -22.37 15.39 12.49
CA LYS A 41 -21.42 15.62 13.57
C LYS A 41 -20.22 14.70 13.45
N HIS A 42 -20.49 13.39 13.34
CA HIS A 42 -19.45 12.39 13.11
C HIS A 42 -18.53 12.80 11.98
N LEU A 43 -19.14 13.26 10.88
CA LEU A 43 -18.39 13.68 9.71
C LEU A 43 -17.38 14.75 10.11
N GLU A 44 -17.87 15.75 10.83
CA GLU A 44 -17.01 16.82 11.34
C GLU A 44 -15.83 16.22 12.07
N GLU A 45 -16.12 15.31 12.99
CA GLU A 45 -15.08 14.70 13.81
C GLU A 45 -14.05 14.01 12.93
N LEU A 46 -14.53 13.29 11.92
CA LEU A 46 -13.65 12.59 11.01
C LEU A 46 -12.67 13.60 10.41
N ASN A 47 -13.22 14.72 9.94
CA ASN A 47 -12.43 15.79 9.33
C ASN A 47 -11.36 16.41 10.23
N ILE A 48 -11.45 16.15 11.54
CA ILE A 48 -10.40 16.54 12.46
C ILE A 48 -9.30 15.49 12.55
N ILE A 49 -9.68 14.22 12.71
CA ILE A 49 -8.70 13.17 13.01
C ILE A 49 -8.11 12.54 11.75
N THR A 50 -8.51 13.07 10.60
CA THR A 50 -8.06 12.55 9.31
C THR A 50 -7.75 13.70 8.33
N PRO A 51 -6.74 13.52 7.47
CA PRO A 51 -6.31 14.57 6.52
C PRO A 51 -7.39 15.06 5.54
N ASN A 52 -8.07 14.13 4.87
CA ASN A 52 -8.97 14.49 3.78
C ASN A 52 -10.38 13.95 3.89
N GLY A 53 -10.87 13.78 5.12
CA GLY A 53 -12.16 13.17 5.33
C GLY A 53 -12.14 11.76 4.80
N ASN A 54 -11.03 11.05 5.02
CA ASN A 54 -10.85 9.69 4.54
C ASN A 54 -11.96 8.70 4.89
N ILE A 55 -12.47 8.00 3.89
CA ILE A 55 -13.47 6.94 4.09
C ILE A 55 -13.12 5.68 3.28
N PRO A 56 -13.06 4.52 3.95
CA PRO A 56 -13.32 4.34 5.38
C PRO A 56 -12.12 4.68 6.25
N THR A 57 -12.42 4.99 7.50
CA THR A 57 -11.43 5.21 8.55
C THR A 57 -11.87 4.42 9.78
N LEU A 58 -10.99 3.58 10.29
CA LEU A 58 -11.28 2.87 11.53
C LEU A 58 -10.72 3.65 12.72
N SER A 59 -11.55 3.85 13.74
CA SER A 59 -11.12 4.57 14.94
C SER A 59 -11.15 3.66 16.17
N THR A 60 -9.97 3.52 16.79
CA THR A 60 -9.79 2.72 18.00
C THR A 60 -9.63 3.72 19.16
N ASP A 61 -9.51 3.20 20.37
CA ASP A 61 -9.21 4.04 21.52
C ASP A 61 -7.84 4.69 21.38
N ASP A 62 -6.98 4.12 20.54
CA ASP A 62 -5.59 4.56 20.47
C ASP A 62 -5.23 5.34 19.21
N PHE A 63 -5.90 5.04 18.10
CA PHE A 63 -5.53 5.65 16.82
C PHE A 63 -6.67 5.72 15.82
N ALA A 64 -6.40 6.35 14.68
CA ALA A 64 -7.28 6.28 13.53
C ALA A 64 -6.42 5.87 12.33
N VAL A 65 -6.92 4.95 11.51
CA VAL A 65 -6.20 4.53 10.31
C VAL A 65 -7.15 4.59 9.13
N TYR A 66 -6.62 4.74 7.91
CA TYR A 66 -7.51 4.94 6.77
C TYR A 66 -7.21 4.23 5.44
N ARG A 67 -5.98 3.80 5.23
CA ARG A 67 -5.70 2.97 4.06
C ARG A 67 -6.22 1.54 4.30
N LEU A 68 -6.81 0.93 3.28
CA LEU A 68 -7.39 -0.41 3.41
C LEU A 68 -6.41 -1.47 3.93
N SER A 69 -5.22 -1.52 3.36
CA SER A 69 -4.21 -2.45 3.84
C SER A 69 -3.92 -2.20 5.32
N VAL A 70 -3.80 -0.92 5.68
CA VAL A 70 -3.53 -0.48 7.04
C VAL A 70 -4.69 -0.80 7.98
N ILE A 71 -5.92 -0.65 7.50
CA ILE A 71 -7.11 -0.99 8.27
C ILE A 71 -7.20 -2.49 8.55
N ILE A 72 -7.06 -3.30 7.50
CA ILE A 72 -7.09 -4.74 7.67
C ILE A 72 -6.00 -5.13 8.65
N GLU A 73 -4.85 -4.49 8.53
CA GLU A 73 -3.72 -4.70 9.42
C GLU A 73 -4.08 -4.47 10.88
N ALA A 74 -4.56 -3.27 11.19
CA ALA A 74 -4.92 -2.90 12.56
C ALA A 74 -6.01 -3.82 13.14
N ILE A 75 -7.06 -4.04 12.37
CA ILE A 75 -8.13 -4.95 12.76
C ILE A 75 -7.55 -6.30 13.13
N GLU A 76 -6.60 -6.77 12.34
CA GLU A 76 -5.98 -8.05 12.62
C GLU A 76 -5.13 -8.00 13.89
N ASP A 77 -4.33 -6.95 14.06
CA ASP A 77 -3.56 -6.76 15.29
C ASP A 77 -4.42 -6.84 16.55
N LEU A 78 -5.64 -6.29 16.46
CA LEU A 78 -6.53 -6.28 17.62
C LEU A 78 -7.48 -7.48 17.67
N TYR A 79 -7.61 -8.21 16.55
CA TYR A 79 -8.41 -9.44 16.47
C TYR A 79 -7.77 -10.41 15.48
N PRO A 80 -6.65 -11.05 15.85
CA PRO A 80 -5.94 -11.91 14.89
C PRO A 80 -6.70 -13.15 14.45
N PHE A 81 -7.56 -13.71 15.29
CA PHE A 81 -8.28 -14.91 14.88
C PHE A 81 -9.72 -14.60 14.44
N PRO A 82 -10.18 -15.21 13.34
CA PRO A 82 -9.49 -16.10 12.41
C PRO A 82 -8.62 -15.33 11.42
N PRO A 83 -7.59 -15.97 10.85
CA PRO A 83 -6.63 -15.17 10.08
C PRO A 83 -7.06 -14.97 8.63
N PHE A 85 -5.05 -13.47 6.18
CA PHE A 85 -3.90 -13.82 5.35
C PHE A 85 -3.33 -15.16 5.79
N PRO A 86 -2.48 -15.77 4.96
CA PRO A 86 -1.76 -16.94 5.42
C PRO A 86 -0.87 -16.62 6.64
N VAL A 87 -0.45 -17.65 7.37
CA VAL A 87 0.27 -17.44 8.61
C VAL A 87 1.74 -17.82 8.44
N PHE A 88 2.06 -18.31 7.25
CA PHE A 88 3.43 -18.59 6.87
C PHE A 88 3.94 -17.53 5.89
N PRO A 89 5.16 -17.01 6.12
CA PRO A 89 5.74 -15.86 5.40
C PRO A 89 5.54 -15.81 3.88
N LYS A 90 6.03 -16.80 3.15
CA LYS A 90 6.00 -16.78 1.69
C LYS A 90 4.57 -16.58 1.13
N GLN A 91 3.68 -17.45 1.59
CA GLN A 91 2.26 -17.39 1.25
C GLN A 91 1.65 -16.03 1.60
N ARG A 92 1.86 -15.58 2.83
CA ARG A 92 1.34 -14.30 3.29
C ARG A 92 1.82 -13.13 2.42
N ALA A 93 3.07 -13.21 1.98
CA ALA A 93 3.68 -12.19 1.15
C ALA A 93 2.98 -12.13 -0.20
N ASN A 94 2.90 -13.28 -0.85
CA ASN A 94 2.17 -13.36 -2.11
C ASN A 94 0.77 -12.81 -1.97
N ALA A 95 0.11 -13.14 -0.86
CA ALA A 95 -1.26 -12.69 -0.63
C ALA A 95 -1.37 -11.17 -0.53
N ARG A 96 -0.43 -10.54 0.16
CA ARG A 96 -0.41 -9.07 0.25
C ARG A 96 -0.20 -8.44 -1.13
N ILE A 97 0.64 -9.10 -1.93
CA ILE A 97 0.95 -8.57 -3.24
C ILE A 97 -0.27 -8.66 -4.14
N LEU A 98 -0.92 -9.81 -4.09
CA LEU A 98 -2.14 -10.06 -4.85
C LEU A 98 -3.27 -9.13 -4.42
N LEU A 99 -3.37 -8.89 -3.12
CA LEU A 99 -4.33 -7.91 -2.60
C LEU A 99 -4.04 -6.53 -3.17
N GLU A 100 -2.77 -6.13 -3.23
CA GLU A 100 -2.45 -4.84 -3.84
C GLU A 100 -2.87 -4.82 -5.30
N TYR A 101 -2.68 -5.95 -5.98
CA TYR A 101 -3.11 -6.05 -7.37
C TYR A 101 -4.62 -5.84 -7.54
N VAL A 102 -5.42 -6.49 -6.69
CA VAL A 102 -6.86 -6.34 -6.75
C VAL A 102 -7.24 -4.90 -6.40
N ASN A 103 -6.49 -4.31 -5.47
CA ASN A 103 -6.68 -2.92 -5.10
C ASN A 103 -6.48 -1.96 -6.27
N LYS A 104 -5.38 -2.13 -7.01
CA LYS A 104 -5.07 -1.26 -8.15
C LYS A 104 -5.97 -1.49 -9.35
N THR A 105 -6.14 -2.75 -9.69
CA THR A 105 -6.88 -3.12 -10.88
C THR A 105 -8.38 -2.94 -10.70
N PHE A 106 -8.90 -3.35 -9.55
CA PHE A 106 -10.33 -3.34 -9.35
C PHE A 106 -10.91 -2.28 -8.39
N LEU A 107 -10.63 -2.41 -7.10
CA LEU A 107 -11.18 -1.51 -6.07
C LEU A 107 -11.08 -0.01 -6.41
N GLN A 108 -9.86 0.45 -6.66
CA GLN A 108 -9.58 1.81 -7.09
C GLN A 108 -10.36 2.23 -8.34
N ASN A 109 -10.45 1.33 -9.31
CA ASN A 109 -11.18 1.60 -10.54
C ASN A 109 -12.69 1.64 -10.35
N ILE A 110 -13.19 0.82 -9.45
CA ILE A 110 -14.59 0.87 -9.06
C ILE A 110 -14.90 2.24 -8.46
N ILE A 111 -14.10 2.66 -7.47
CA ILE A 111 -14.20 4.02 -6.96
C ILE A 111 -14.16 5.04 -8.11
N LYS A 112 -13.26 4.85 -9.07
CA LYS A 112 -13.20 5.75 -10.25
C LYS A 112 -14.52 5.82 -11.01
N LEU A 113 -15.11 4.66 -11.28
CA LEU A 113 -16.38 4.58 -12.00
C LEU A 113 -17.55 5.20 -11.25
N GLN A 114 -17.44 5.27 -9.92
CA GLN A 114 -18.46 5.98 -9.15
C GLN A 114 -18.32 7.52 -9.15
N SER A 115 -17.21 8.04 -9.67
CA SER A 115 -16.93 9.49 -9.60
C SER A 115 -17.96 10.33 -10.37
N PRO A 116 -18.45 11.41 -9.74
CA PRO A 116 -19.59 12.17 -10.28
C PRO A 116 -19.24 12.92 -11.56
N ASP A 117 -17.94 13.11 -11.81
CA ASP A 117 -17.48 13.86 -12.96
C ASP A 117 -16.90 12.93 -14.02
N LEU A 118 -17.28 11.66 -13.92
CA LEU A 118 -16.71 10.61 -14.76
C LEU A 118 -16.90 10.86 -16.26
N ASP A 119 -15.80 10.76 -17.00
CA ASP A 119 -15.82 10.85 -18.45
C ASP A 119 -16.34 9.52 -19.01
N GLU A 120 -16.96 9.55 -20.18
CA GLU A 120 -17.49 8.32 -20.79
C GLU A 120 -16.37 7.47 -21.39
N LYS A 121 -15.39 8.13 -22.00
CA LYS A 121 -14.24 7.46 -22.59
C LYS A 121 -13.51 6.61 -21.56
N GLN A 122 -13.22 7.21 -20.41
CA GLN A 122 -12.49 6.51 -19.36
C GLN A 122 -13.38 5.52 -18.57
N ALA A 123 -14.68 5.79 -18.49
CA ALA A 123 -15.63 4.80 -17.98
C ALA A 123 -15.50 3.52 -18.80
N ASN A 124 -15.52 3.66 -20.13
CA ASN A 124 -15.36 2.50 -21.01
C ASN A 124 -13.98 1.84 -20.93
N GLU A 125 -12.93 2.67 -20.83
CA GLU A 125 -11.57 2.16 -20.62
C GLU A 125 -11.52 1.26 -19.39
N ILE A 126 -12.08 1.76 -18.29
CA ILE A 126 -12.04 1.07 -17.02
C ILE A 126 -12.85 -0.22 -17.07
N LYS A 127 -14.09 -0.12 -17.54
CA LYS A 127 -14.93 -1.32 -17.64
C LYS A 127 -14.23 -2.38 -18.46
N LEU A 129 -11.02 -2.76 -19.12
CA LEU A 129 -9.86 -3.23 -18.37
C LEU A 129 -10.26 -4.33 -17.38
N GLN A 131 -13.09 -6.02 -17.03
CA GLN A 131 -13.71 -7.20 -17.63
C GLN A 131 -12.66 -8.10 -18.22
N ARG A 132 -11.67 -7.49 -18.84
CA ARG A 132 -10.62 -8.26 -19.47
C ARG A 132 -9.85 -9.08 -18.44
N ASP A 133 -9.62 -8.52 -17.24
CA ASP A 133 -8.78 -9.26 -16.27
C ASP A 133 -9.47 -10.08 -15.16
N ILE A 134 -10.73 -9.78 -14.88
CA ILE A 134 -11.41 -10.31 -13.71
C ILE A 134 -11.33 -11.84 -13.54
N ILE A 135 -11.44 -12.59 -14.63
CA ILE A 135 -11.51 -14.03 -14.51
C ILE A 135 -10.15 -14.67 -14.24
N SER A 136 -9.12 -14.21 -14.93
CA SER A 136 -7.76 -14.70 -14.64
C SER A 136 -7.32 -14.30 -13.23
N THR A 137 -7.72 -13.11 -12.79
CA THR A 137 -7.45 -12.69 -11.41
C THR A 137 -8.14 -13.61 -10.39
N TYR A 138 -9.43 -13.88 -10.64
CA TYR A 138 -10.20 -14.78 -9.78
C TYR A 138 -9.55 -16.16 -9.71
N LYS A 139 -9.11 -16.65 -10.87
CA LYS A 139 -8.42 -17.92 -10.95
C LYS A 139 -7.10 -17.93 -10.17
N LYS A 140 -6.32 -16.85 -10.28
CA LYS A 140 -5.11 -16.68 -9.47
C LYS A 140 -5.44 -16.79 -7.99
N ILE A 141 -6.50 -16.12 -7.57
CA ILE A 141 -6.91 -16.19 -6.18
C ILE A 141 -7.26 -17.63 -5.74
N VAL A 142 -8.09 -18.35 -6.50
CA VAL A 142 -8.43 -19.73 -6.10
C VAL A 142 -7.24 -20.69 -6.18
N SER A 143 -6.33 -20.42 -7.11
CA SER A 143 -5.14 -21.24 -7.26
C SER A 143 -4.22 -21.07 -6.05
N GLU A 144 -3.99 -19.82 -5.66
CA GLU A 144 -3.20 -19.53 -4.47
C GLU A 144 -3.86 -20.15 -3.26
N ARG A 145 -5.18 -20.08 -3.24
CA ARG A 145 -5.98 -20.65 -2.17
C ARG A 145 -5.73 -22.14 -2.01
N GLU A 146 -5.87 -22.89 -3.09
CA GLU A 146 -5.82 -24.36 -3.02
C GLU A 146 -4.42 -24.95 -3.13
N VAL A 147 -3.44 -24.12 -3.49
CA VAL A 147 -2.07 -24.62 -3.68
C VAL A 147 -1.44 -25.14 -2.38
N ASN A 148 -1.60 -24.38 -1.29
CA ASN A 148 -1.02 -24.80 -0.03
C ASN A 148 -2.07 -24.93 1.08
N ALA A 149 -3.31 -24.53 0.80
CA ALA A 149 -4.37 -24.52 1.81
C ALA A 149 -5.67 -25.17 1.35
N GLU A 150 -5.86 -26.45 1.64
CA GLU A 150 -4.89 -27.28 2.34
C GLU A 150 -4.90 -28.71 1.84
N ALA A 155 -10.85 -26.35 4.09
CA ALA A 155 -10.90 -24.96 3.64
C ALA A 155 -12.12 -24.26 4.23
N GLN A 156 -12.39 -24.54 5.51
CA GLN A 156 -13.60 -24.09 6.17
C GLN A 156 -13.73 -22.56 6.23
N ASN A 157 -12.68 -21.87 6.68
CA ASN A 157 -12.73 -20.42 6.82
C ASN A 157 -12.12 -19.63 5.66
N ILE A 158 -12.65 -18.42 5.43
CA ILE A 158 -12.36 -17.62 4.25
C ILE A 158 -11.19 -16.65 4.44
N ASN A 159 -10.51 -16.31 3.33
CA ASN A 159 -9.41 -15.34 3.33
C ASN A 159 -9.80 -13.99 2.76
N VAL A 160 -8.93 -13.00 2.91
CA VAL A 160 -9.25 -11.65 2.44
C VAL A 160 -9.40 -11.54 0.93
N LEU A 161 -8.61 -12.30 0.20
CA LEU A 161 -8.64 -12.28 -1.26
C LEU A 161 -10.00 -12.72 -1.81
N THR A 162 -10.53 -13.77 -1.21
CA THR A 162 -11.82 -14.29 -1.61
C THR A 162 -12.95 -13.35 -1.23
N LEU A 163 -12.91 -12.80 -0.02
CA LEU A 163 -13.89 -11.84 0.46
C LEU A 163 -13.94 -10.61 -0.48
N ILE A 164 -12.76 -10.10 -0.79
CA ILE A 164 -12.64 -8.94 -1.66
C ILE A 164 -13.09 -9.22 -3.09
N ILE A 165 -12.70 -10.38 -3.62
CA ILE A 165 -13.13 -10.71 -4.98
C ILE A 165 -14.66 -10.91 -5.03
N THR A 166 -15.23 -11.34 -3.92
CA THR A 166 -16.69 -11.45 -3.80
C THR A 166 -17.29 -10.06 -3.92
N PHE A 167 -16.72 -9.09 -3.23
CA PHE A 167 -17.24 -7.72 -3.36
C PHE A 167 -17.00 -7.09 -4.74
N VAL A 168 -15.92 -7.50 -5.39
CA VAL A 168 -15.65 -7.03 -6.74
C VAL A 168 -16.74 -7.53 -7.67
N PHE A 169 -17.08 -8.80 -7.56
CA PHE A 169 -18.18 -9.33 -8.37
C PHE A 169 -19.46 -8.59 -8.05
N TYR A 170 -19.79 -8.51 -6.77
CA TYR A 170 -20.98 -7.80 -6.30
C TYR A 170 -21.10 -6.42 -6.91
N TYR A 171 -19.96 -5.74 -7.05
CA TYR A 171 -19.95 -4.39 -7.62
C TYR A 171 -19.96 -4.38 -9.15
N PHE A 172 -19.48 -5.45 -9.78
CA PHE A 172 -19.62 -5.61 -11.22
C PHE A 172 -21.11 -5.62 -11.50
N ILE A 173 -21.84 -6.33 -10.65
CA ILE A 173 -23.29 -6.37 -10.77
C ILE A 173 -23.88 -5.00 -10.48
N LYS A 174 -23.44 -4.38 -9.38
CA LYS A 174 -23.98 -3.08 -8.94
C LYS A 174 -23.76 -1.95 -9.94
N LEU A 175 -22.81 -2.15 -10.87
CA LEU A 175 -22.48 -1.15 -11.89
C LEU A 175 -22.86 -1.63 -13.29
N LYS A 176 -23.67 -2.68 -13.36
CA LYS A 176 -24.16 -3.23 -14.63
C LYS A 176 -23.06 -3.65 -15.62
N ILE A 177 -22.00 -4.25 -15.08
CA ILE A 177 -20.95 -4.85 -15.89
C ILE A 177 -21.15 -6.37 -15.93
N SER A 178 -21.36 -6.93 -17.11
CA SER A 178 -21.52 -8.39 -17.22
C SER A 178 -20.25 -9.08 -16.73
N ILE A 179 -20.43 -10.15 -15.95
CA ILE A 179 -19.31 -10.97 -15.50
C ILE A 179 -18.89 -11.91 -16.63
N PRO A 180 -17.75 -11.62 -17.28
CA PRO A 180 -17.40 -12.25 -18.55
C PRO A 180 -16.90 -13.68 -18.44
N THR A 181 -17.80 -14.63 -18.21
CA THR A 181 -17.46 -16.04 -18.26
C THR A 181 -18.65 -16.87 -18.68
N LYS A 182 -18.38 -17.98 -19.36
CA LYS A 182 -19.41 -18.92 -19.75
C LYS A 182 -19.16 -20.26 -19.06
N ASP A 183 -17.98 -20.37 -18.45
CA ASP A 183 -17.58 -21.55 -17.69
C ASP A 183 -18.56 -21.84 -16.55
N LYS A 184 -19.18 -23.02 -16.59
CA LYS A 184 -20.24 -23.37 -15.66
C LYS A 184 -19.74 -23.60 -14.24
N ASN A 185 -18.52 -24.12 -14.13
CA ASN A 185 -17.88 -24.28 -12.83
C ASN A 185 -17.69 -22.93 -12.16
N ILE A 186 -17.09 -21.99 -12.90
CA ILE A 186 -16.80 -20.65 -12.39
C ILE A 186 -18.08 -19.91 -12.03
N ILE A 187 -19.11 -20.07 -12.86
CA ILE A 187 -20.41 -19.50 -12.55
C ILE A 187 -20.92 -20.04 -11.21
N LYS A 188 -20.86 -21.36 -11.04
CA LYS A 188 -21.30 -22.00 -9.80
C LYS A 188 -20.54 -21.45 -8.59
N GLU A 189 -19.23 -21.30 -8.75
CA GLU A 189 -18.37 -20.80 -7.70
C GLU A 189 -18.70 -19.36 -7.33
N ILE A 190 -18.92 -18.52 -8.34
CA ILE A 190 -19.23 -17.12 -8.13
C ILE A 190 -20.57 -16.96 -7.44
N LYS A 191 -21.53 -17.79 -7.80
CA LYS A 191 -22.86 -17.73 -7.17
C LYS A 191 -22.77 -18.18 -5.73
N GLU A 192 -22.00 -19.22 -5.49
CA GLU A 192 -21.70 -19.69 -4.14
C GLU A 192 -21.07 -18.59 -3.28
N LEU A 193 -20.12 -17.86 -3.87
CA LEU A 193 -19.51 -16.71 -3.22
C LEU A 193 -20.54 -15.65 -2.89
N LEU A 194 -21.37 -15.34 -3.87
CA LEU A 194 -22.32 -14.25 -3.75
C LEU A 194 -23.50 -14.56 -2.83
N SER A 195 -23.65 -15.83 -2.48
CA SER A 195 -24.66 -16.20 -1.51
C SER A 195 -24.01 -16.92 -0.34
N GLU A 196 -23.00 -16.29 0.24
CA GLU A 196 -22.37 -16.79 1.44
C GLU A 196 -22.95 -15.98 2.59
N PRO A 197 -23.32 -16.64 3.70
CA PRO A 197 -24.00 -16.07 4.88
C PRO A 197 -23.54 -14.66 5.26
N ASN A 198 -22.28 -14.51 5.63
CA ASN A 198 -21.75 -13.23 6.08
C ASN A 198 -21.74 -12.15 4.99
N PHE A 199 -21.67 -12.56 3.74
CA PHE A 199 -21.77 -11.59 2.64
C PHE A 199 -23.16 -10.98 2.55
N ILE A 200 -24.18 -11.83 2.61
CA ILE A 200 -25.56 -11.37 2.55
C ILE A 200 -25.90 -10.59 3.81
N LYS A 201 -25.36 -11.06 4.93
CA LYS A 201 -25.56 -10.38 6.21
C LYS A 201 -24.94 -8.99 6.14
N THR A 202 -23.88 -8.86 5.36
CA THR A 202 -23.16 -7.60 5.20
C THR A 202 -23.86 -6.63 4.24
N ILE A 203 -24.36 -7.14 3.13
CA ILE A 203 -24.93 -6.26 2.12
C ILE A 203 -26.38 -5.87 2.39
N LYS A 204 -27.11 -6.72 3.09
CA LYS A 204 -28.53 -6.47 3.32
C LYS A 204 -28.82 -6.01 4.75
N ALA A 205 -27.78 -5.65 5.48
CA ALA A 205 -27.94 -5.02 6.79
C ALA A 205 -27.22 -3.67 6.82
N LYS A 206 -27.29 -2.94 5.70
CA LYS A 206 -26.68 -1.61 5.61
C LYS A 206 -27.75 -0.50 5.55
N ALA B 3 17.43 -16.30 -6.17
CA ALA B 3 16.07 -16.59 -5.74
C ALA B 3 15.13 -15.41 -5.99
N LEU B 5 14.50 -11.17 -7.26
CA LEU B 5 14.94 -10.23 -8.26
C LEU B 5 14.49 -8.82 -7.90
N LEU B 6 15.41 -7.86 -7.95
CA LEU B 6 15.04 -6.46 -7.82
C LEU B 6 15.47 -5.69 -9.05
N TYR B 7 14.53 -4.97 -9.65
CA TYR B 7 14.80 -4.18 -10.84
C TYR B 7 14.94 -2.74 -10.38
N THR B 8 16.01 -2.08 -10.79
CA THR B 8 16.34 -0.75 -10.29
C THR B 8 16.83 0.20 -11.36
N LYS B 9 16.97 1.46 -10.95
CA LYS B 9 17.43 2.54 -11.80
C LYS B 9 18.48 3.23 -10.96
N LYS B 10 19.46 3.88 -11.59
CA LYS B 10 20.62 4.42 -10.87
C LYS B 10 20.37 5.54 -9.84
N ASP B 11 19.45 6.45 -10.09
CA ASP B 11 19.22 7.50 -9.08
C ASP B 11 17.75 7.64 -8.74
N ASP B 12 17.15 6.55 -8.29
CA ASP B 12 15.76 6.56 -7.86
C ASP B 12 15.73 6.37 -6.37
N ILE B 13 15.13 7.31 -5.66
CA ILE B 13 15.15 7.27 -4.21
C ILE B 13 14.48 5.97 -3.73
N TYR B 14 13.49 5.52 -4.49
CA TYR B 14 12.73 4.32 -4.17
C TYR B 14 13.65 3.09 -4.24
N SER B 15 14.45 3.02 -5.30
CA SER B 15 15.34 1.90 -5.52
C SER B 15 16.39 1.87 -4.42
N ASP B 16 16.88 3.05 -4.06
CA ASP B 16 17.89 3.17 -3.02
C ASP B 16 17.32 2.65 -1.73
N ILE B 17 16.08 3.01 -1.43
CA ILE B 17 15.42 2.55 -0.21
C ILE B 17 15.28 1.04 -0.17
N VAL B 18 14.73 0.46 -1.23
CA VAL B 18 14.53 -0.98 -1.24
C VAL B 18 15.85 -1.75 -1.22
N ARG B 19 16.88 -1.18 -1.81
CA ARG B 19 18.21 -1.77 -1.77
C ARG B 19 18.83 -1.74 -0.37
N ILE B 21 17.07 -1.62 2.40
CA ILE B 21 16.28 -2.50 3.24
C ILE B 21 16.76 -3.92 2.99
N LEU B 22 17.02 -4.26 1.72
CA LEU B 22 17.53 -5.58 1.40
C LEU B 22 18.91 -5.86 1.99
N LEU B 23 19.75 -4.83 2.05
CA LEU B 23 21.07 -4.92 2.68
C LEU B 23 21.02 -5.16 4.19
N ILE B 24 20.20 -4.38 4.89
CA ILE B 24 20.02 -4.51 6.33
C ILE B 24 19.47 -5.88 6.66
N LYS B 25 18.52 -6.34 5.86
CA LYS B 25 17.95 -7.66 6.08
C LYS B 25 19.07 -8.56 5.63
N GLY B 26 18.92 -9.86 5.71
CA GLY B 26 20.06 -10.67 5.34
C GLY B 26 19.82 -11.13 3.94
N ALA B 27 18.89 -10.45 3.28
CA ALA B 27 18.34 -10.92 2.02
C ALA B 27 19.47 -10.98 1.04
N ASN B 28 19.46 -12.00 0.20
CA ASN B 28 20.30 -11.93 -0.96
C ASN B 28 19.40 -12.06 -2.15
N ALA B 29 19.48 -11.06 -3.02
CA ALA B 29 18.56 -10.93 -4.12
C ALA B 29 19.43 -10.52 -5.27
N LYS B 30 19.01 -10.89 -6.47
CA LYS B 30 19.75 -10.47 -7.62
C LYS B 30 19.23 -9.08 -7.86
N ILE B 31 20.15 -8.13 -8.04
CA ILE B 31 19.73 -6.77 -8.30
C ILE B 31 20.24 -6.39 -9.66
N VAL B 32 19.31 -5.91 -10.48
CA VAL B 32 19.58 -5.63 -11.87
C VAL B 32 19.23 -4.19 -12.17
N ASP B 33 20.15 -3.52 -12.84
CA ASP B 33 19.98 -2.13 -13.19
C ASP B 33 19.52 -2.12 -14.65
N VAL B 34 18.33 -1.63 -14.91
CA VAL B 34 17.76 -1.69 -16.25
C VAL B 34 18.12 -0.46 -17.09
N SER B 35 18.89 0.44 -16.49
CA SER B 35 19.52 1.52 -17.22
C SER B 35 20.56 0.92 -18.16
N LYS B 36 21.29 -0.08 -17.64
CA LYS B 36 22.37 -0.71 -18.40
C LYS B 36 21.82 -1.55 -19.55
N GLU B 37 22.47 -1.44 -20.70
CA GLU B 37 22.11 -2.22 -21.89
C GLU B 37 22.32 -3.70 -21.61
N GLU B 38 23.32 -3.99 -20.77
CA GLU B 38 23.80 -5.35 -20.56
C GLU B 38 22.65 -6.20 -20.01
N ASN B 39 21.64 -5.50 -19.48
CA ASN B 39 20.48 -6.13 -18.87
C ASN B 39 19.19 -5.87 -19.62
N SER B 40 19.27 -5.61 -20.92
CA SER B 40 18.12 -5.19 -21.70
C SER B 40 17.04 -6.27 -21.63
N LYS B 41 17.48 -7.52 -21.52
CA LYS B 41 16.58 -8.66 -21.49
C LYS B 41 15.66 -8.48 -20.29
N HIS B 42 16.25 -8.08 -19.17
CA HIS B 42 15.51 -7.91 -17.93
C HIS B 42 14.49 -6.79 -18.08
N LEU B 43 14.87 -5.73 -18.78
CA LEU B 43 13.94 -4.63 -19.00
C LEU B 43 12.74 -5.14 -19.77
N GLU B 44 13.00 -6.01 -20.76
CA GLU B 44 11.95 -6.47 -21.62
C GLU B 44 10.99 -7.22 -20.72
N GLU B 45 11.58 -8.04 -19.84
CA GLU B 45 10.79 -8.86 -18.93
C GLU B 45 9.99 -7.99 -17.98
N LEU B 46 10.60 -6.89 -17.55
CA LEU B 46 9.96 -6.05 -16.56
C LEU B 46 8.67 -5.53 -17.17
N ASN B 47 8.73 -5.17 -18.45
CA ASN B 47 7.57 -4.58 -19.10
C ASN B 47 6.42 -5.57 -19.24
N ILE B 48 6.77 -6.84 -19.35
CA ILE B 48 5.78 -7.91 -19.32
C ILE B 48 5.06 -8.04 -17.95
N ILE B 49 5.83 -7.95 -16.85
CA ILE B 49 5.28 -8.31 -15.54
C ILE B 49 4.65 -7.17 -14.74
N THR B 50 4.68 -5.98 -15.32
CA THR B 50 4.11 -4.80 -14.69
C THR B 50 3.47 -3.99 -15.81
N PRO B 51 2.53 -3.12 -15.47
CA PRO B 51 1.89 -2.35 -16.55
C PRO B 51 2.85 -1.42 -17.31
N ASN B 52 3.61 -0.58 -16.60
CA ASN B 52 4.48 0.38 -17.25
C ASN B 52 5.98 0.09 -17.14
N GLY B 53 6.33 -1.13 -16.74
CA GLY B 53 7.72 -1.44 -16.44
C GLY B 53 8.23 -0.54 -15.33
N ASN B 54 7.53 -0.53 -14.21
CA ASN B 54 7.82 0.39 -13.11
C ASN B 54 9.12 0.07 -12.40
N ILE B 55 9.73 1.11 -11.83
CA ILE B 55 10.98 0.98 -11.10
C ILE B 55 10.83 1.69 -9.77
N PRO B 56 11.18 1.00 -8.68
CA PRO B 56 11.71 -0.36 -8.65
C PRO B 56 10.60 -1.40 -8.69
N THR B 57 10.93 -2.61 -9.11
CA THR B 57 10.03 -3.76 -9.00
C THR B 57 10.77 -4.90 -8.33
N LEU B 58 10.10 -5.54 -7.38
CA LEU B 58 10.68 -6.70 -6.72
C LEU B 58 9.85 -7.87 -7.16
N SER B 59 10.50 -8.84 -7.75
CA SER B 59 9.83 -10.05 -8.18
C SER B 59 10.45 -11.27 -7.53
N THR B 60 9.62 -11.95 -6.75
CA THR B 60 9.94 -13.28 -6.26
C THR B 60 9.64 -14.11 -7.50
N ASP B 61 9.91 -15.41 -7.46
CA ASP B 61 9.58 -16.22 -8.62
C ASP B 61 8.06 -16.14 -8.83
N ASP B 62 7.33 -16.16 -7.72
CA ASP B 62 5.88 -16.18 -7.75
C ASP B 62 5.24 -14.89 -8.30
N PHE B 63 5.55 -13.75 -7.70
CA PHE B 63 4.79 -12.53 -7.95
C PHE B 63 5.71 -11.31 -8.08
N ALA B 64 5.20 -10.22 -8.64
CA ALA B 64 5.99 -9.00 -8.81
C ALA B 64 5.26 -7.76 -8.29
N VAL B 65 5.97 -6.93 -7.53
CA VAL B 65 5.35 -5.81 -6.82
C VAL B 65 6.13 -4.49 -7.03
N TYR B 66 5.42 -3.39 -7.28
CA TYR B 66 6.11 -2.10 -7.46
C TYR B 66 5.69 -0.95 -6.50
N ARG B 67 4.61 -1.13 -5.76
CA ARG B 67 4.24 -0.13 -4.74
C ARG B 67 5.24 -0.23 -3.60
N LEU B 68 5.79 0.90 -3.16
CA LEU B 68 6.88 0.88 -2.17
C LEU B 68 6.41 0.24 -0.87
N SER B 69 5.20 0.58 -0.45
CA SER B 69 4.72 0.16 0.86
C SER B 69 4.67 -1.36 0.95
N VAL B 70 4.21 -2.00 -0.13
CA VAL B 70 4.06 -3.45 -0.11
C VAL B 70 5.32 -4.19 -0.58
N ILE B 71 6.26 -3.47 -1.21
CA ILE B 71 7.60 -4.01 -1.38
C ILE B 71 8.21 -4.19 0.01
N ILE B 72 8.10 -3.14 0.80
CA ILE B 72 8.58 -3.15 2.19
C ILE B 72 7.84 -4.21 3.02
N GLU B 73 6.53 -4.34 2.81
CA GLU B 73 5.77 -5.33 3.58
C GLU B 73 6.17 -6.74 3.19
N ALA B 74 6.32 -6.98 1.90
CA ALA B 74 6.66 -8.31 1.42
C ALA B 74 8.03 -8.73 1.92
N ILE B 75 8.96 -7.77 1.92
CA ILE B 75 10.31 -8.04 2.40
C ILE B 75 10.23 -8.36 3.88
N GLU B 76 9.44 -7.58 4.60
CA GLU B 76 9.29 -7.72 6.05
C GLU B 76 8.71 -9.09 6.45
N ASP B 77 7.78 -9.61 5.64
CA ASP B 77 7.30 -10.98 5.79
C ASP B 77 8.31 -12.08 5.44
N LEU B 78 8.98 -11.94 4.31
CA LEU B 78 10.00 -12.90 3.91
C LEU B 78 11.22 -12.84 4.84
N TYR B 79 11.60 -11.62 5.25
CA TYR B 79 12.80 -11.42 6.05
C TYR B 79 12.48 -10.65 7.33
N PRO B 80 12.02 -11.36 8.37
CA PRO B 80 11.49 -10.74 9.58
C PRO B 80 12.52 -9.91 10.36
N PHE B 81 13.79 -10.31 10.31
CA PHE B 81 14.82 -9.73 11.17
C PHE B 81 15.89 -9.00 10.36
N PRO B 82 16.25 -7.79 10.78
CA PRO B 82 15.69 -7.03 11.91
C PRO B 82 14.44 -6.24 11.54
N PRO B 83 13.64 -5.87 12.55
CA PRO B 83 12.33 -5.27 12.35
C PRO B 83 12.42 -3.86 11.78
N PHE B 85 9.54 -2.10 11.57
CA PHE B 85 8.30 -1.49 12.03
C PHE B 85 8.18 -1.70 13.54
N PRO B 86 7.37 -0.85 14.20
CA PRO B 86 7.21 -0.97 15.66
C PRO B 86 6.50 -2.29 15.94
N VAL B 87 6.61 -2.79 17.15
CA VAL B 87 6.11 -4.14 17.44
C VAL B 87 4.71 -4.01 18.05
N PHE B 88 4.29 -2.78 18.32
CA PHE B 88 3.00 -2.59 18.97
C PHE B 88 2.02 -1.86 18.07
N PRO B 89 0.74 -2.28 18.12
CA PRO B 89 -0.24 -1.90 17.11
C PRO B 89 -0.46 -0.40 16.92
N LYS B 90 -0.42 0.39 17.99
CA LYS B 90 -0.65 1.83 17.87
C LYS B 90 0.44 2.51 17.07
N GLN B 91 1.68 2.30 17.52
CA GLN B 91 2.85 2.86 16.86
C GLN B 91 3.04 2.28 15.47
N ARG B 92 2.83 0.98 15.34
CA ARG B 92 2.96 0.29 14.05
C ARG B 92 1.97 0.85 13.01
N ALA B 93 0.73 1.03 13.42
CA ALA B 93 -0.29 1.61 12.53
C ALA B 93 -0.02 3.07 12.18
N ASN B 94 0.31 3.85 13.20
CA ASN B 94 0.58 5.26 13.00
C ASN B 94 1.81 5.40 12.10
N ALA B 95 2.73 4.45 12.23
CA ALA B 95 3.93 4.38 11.41
C ALA B 95 3.56 4.13 9.97
N ARG B 96 2.61 3.24 9.75
CA ARG B 96 2.19 2.91 8.40
C ARG B 96 1.55 4.12 7.73
N ILE B 97 0.77 4.86 8.51
CA ILE B 97 0.20 6.11 8.01
C ILE B 97 1.29 7.10 7.68
N LEU B 98 2.29 7.20 8.55
CA LEU B 98 3.40 8.14 8.34
C LEU B 98 4.17 7.80 7.08
N LEU B 99 4.37 6.50 6.83
CA LEU B 99 5.14 6.03 5.69
C LEU B 99 4.38 6.52 4.47
N GLU B 100 3.06 6.38 4.52
CA GLU B 100 2.23 6.82 3.41
C GLU B 100 2.35 8.33 3.21
N TYR B 101 2.39 9.07 4.32
CA TYR B 101 2.54 10.52 4.29
C TYR B 101 3.84 10.98 3.63
N VAL B 102 4.97 10.42 4.10
CA VAL B 102 6.29 10.76 3.56
C VAL B 102 6.32 10.40 2.09
N ASN B 103 5.62 9.32 1.74
CA ASN B 103 5.54 8.88 0.36
C ASN B 103 4.88 9.97 -0.49
N LYS B 104 3.74 10.48 -0.01
CA LYS B 104 3.02 11.50 -0.75
C LYS B 104 3.81 12.80 -0.87
N THR B 105 4.25 13.30 0.28
CA THR B 105 4.94 14.59 0.39
C THR B 105 6.31 14.64 -0.28
N PHE B 106 7.25 13.84 0.21
CA PHE B 106 8.64 13.94 -0.26
C PHE B 106 9.04 13.01 -1.41
N LEU B 107 8.83 11.70 -1.26
CA LEU B 107 9.39 10.75 -2.24
C LEU B 107 8.87 10.97 -3.67
N GLN B 108 7.54 11.09 -3.78
CA GLN B 108 6.90 11.26 -5.07
C GLN B 108 7.38 12.57 -5.69
N ASN B 109 7.48 13.59 -4.85
CA ASN B 109 7.96 14.89 -5.29
C ASN B 109 9.42 14.90 -5.71
N ILE B 110 10.25 14.10 -5.04
CA ILE B 110 11.64 14.01 -5.43
C ILE B 110 11.72 13.44 -6.84
N ILE B 111 10.89 12.42 -7.10
CA ILE B 111 10.85 11.88 -8.46
C ILE B 111 10.34 12.93 -9.44
N LYS B 112 9.35 13.70 -9.03
CA LYS B 112 8.73 14.69 -9.91
C LYS B 112 9.84 15.64 -10.32
N LEU B 113 10.69 15.99 -9.34
CA LEU B 113 11.79 16.91 -9.56
C LEU B 113 12.78 16.33 -10.56
N GLN B 114 13.00 15.02 -10.52
CA GLN B 114 14.03 14.42 -11.39
C GLN B 114 13.72 14.57 -12.90
N SER B 115 12.44 14.46 -13.26
CA SER B 115 12.01 14.62 -14.65
C SER B 115 12.27 16.04 -15.18
N PRO B 116 12.80 16.15 -16.42
CA PRO B 116 13.24 17.46 -16.93
C PRO B 116 12.15 18.28 -17.65
N ASP B 117 10.99 17.68 -17.89
CA ASP B 117 9.87 18.38 -18.54
C ASP B 117 9.35 19.55 -17.69
N LEU B 118 9.54 19.44 -16.38
CA LEU B 118 8.90 20.31 -15.41
C LEU B 118 9.20 21.80 -15.55
N ASP B 119 8.14 22.59 -15.43
CA ASP B 119 8.21 24.04 -15.43
C ASP B 119 9.03 24.46 -14.22
N GLU B 120 10.04 25.30 -14.43
CA GLU B 120 11.06 25.54 -13.40
C GLU B 120 10.39 26.07 -12.14
N LYS B 121 9.43 26.97 -12.33
CA LYS B 121 8.71 27.57 -11.22
C LYS B 121 7.93 26.48 -10.48
N GLN B 122 7.40 25.51 -11.25
CA GLN B 122 6.58 24.44 -10.70
C GLN B 122 7.48 23.67 -9.73
N ALA B 123 8.71 23.42 -10.19
CA ALA B 123 9.68 22.65 -9.44
C ALA B 123 9.89 23.44 -8.16
N ASN B 124 10.08 24.75 -8.31
CA ASN B 124 10.48 25.61 -7.19
C ASN B 124 9.42 25.53 -6.10
N GLU B 125 8.17 25.45 -6.53
CA GLU B 125 7.06 25.27 -5.61
C GLU B 125 7.41 23.98 -4.87
N ILE B 126 7.53 22.88 -5.60
CA ILE B 126 7.64 21.57 -4.93
C ILE B 126 8.74 21.57 -3.85
N LYS B 127 9.88 22.15 -4.22
CA LYS B 127 11.04 22.20 -3.32
C LYS B 127 10.59 22.98 -2.10
N LEU B 129 7.66 23.49 -0.79
CA LEU B 129 6.70 22.77 0.04
C LEU B 129 7.49 21.77 0.88
N GLN B 131 10.62 21.93 1.85
CA GLN B 131 11.35 22.66 2.89
C GLN B 131 10.39 23.03 4.00
N ARG B 132 9.15 23.33 3.62
CA ARG B 132 8.10 23.71 4.56
C ARG B 132 7.81 22.56 5.52
N ASP B 133 7.78 21.34 5.01
CA ASP B 133 7.36 20.22 5.84
C ASP B 133 8.46 19.27 6.36
N ILE B 134 9.70 19.49 5.92
CA ILE B 134 10.79 18.57 6.26
C ILE B 134 11.11 18.48 7.76
N ILE B 135 11.18 19.63 8.43
CA ILE B 135 11.51 19.65 9.86
C ILE B 135 10.40 19.05 10.71
N SER B 136 9.16 19.36 10.37
CA SER B 136 8.02 18.80 11.08
C SER B 136 7.93 17.30 10.89
N THR B 137 8.14 16.84 9.66
CA THR B 137 8.11 15.41 9.38
C THR B 137 9.22 14.65 10.11
N TYR B 138 10.43 15.24 10.10
CA TYR B 138 11.55 14.61 10.77
C TYR B 138 11.20 14.53 12.24
N LYS B 139 10.53 15.58 12.72
CA LYS B 139 10.12 15.68 14.12
C LYS B 139 9.10 14.61 14.56
N LYS B 140 8.08 14.36 13.72
CA LYS B 140 7.17 13.25 14.02
C LYS B 140 7.94 11.95 14.01
N ILE B 141 8.85 11.76 13.05
CA ILE B 141 9.54 10.49 12.94
C ILE B 141 10.35 10.21 14.22
N VAL B 142 11.02 11.25 14.75
CA VAL B 142 11.75 11.08 16.02
C VAL B 142 10.81 10.86 17.20
N SER B 143 9.66 11.53 17.18
CA SER B 143 8.66 11.32 18.24
C SER B 143 8.16 9.87 18.27
N GLU B 144 7.92 9.29 17.09
CA GLU B 144 7.51 7.89 16.98
C GLU B 144 8.62 6.95 17.39
N ARG B 145 9.88 7.39 17.22
CA ARG B 145 11.00 6.59 17.71
C ARG B 145 10.96 6.35 19.21
N GLU B 146 10.52 7.36 19.96
CA GLU B 146 10.27 7.20 21.41
C GLU B 146 9.09 6.24 21.68
N ALA B 155 21.88 0.34 22.00
CA ALA B 155 21.53 1.34 21.01
C ALA B 155 20.31 0.93 20.20
N GLN B 156 19.56 1.92 19.73
CA GLN B 156 18.32 1.68 18.99
C GLN B 156 18.52 1.10 17.59
N ASN B 157 17.58 0.25 17.20
CA ASN B 157 17.52 -0.33 15.87
C ASN B 157 17.08 0.74 14.89
N ILE B 158 17.49 0.63 13.64
CA ILE B 158 16.96 1.53 12.63
C ILE B 158 15.53 1.14 12.26
N ASN B 159 14.75 2.12 11.85
CA ASN B 159 13.33 1.95 11.61
C ASN B 159 13.13 2.34 10.16
N VAL B 160 12.04 1.88 9.56
CA VAL B 160 11.83 2.13 8.14
C VAL B 160 11.67 3.63 7.88
N LEU B 161 11.02 4.33 8.81
CA LEU B 161 10.80 5.76 8.69
C LEU B 161 12.10 6.58 8.75
N THR B 162 12.99 6.20 9.67
CA THR B 162 14.31 6.83 9.78
C THR B 162 15.19 6.57 8.55
N LEU B 163 15.14 5.35 8.04
CA LEU B 163 15.88 4.99 6.84
C LEU B 163 15.41 5.82 5.65
N ILE B 164 14.09 5.91 5.50
CA ILE B 164 13.54 6.66 4.38
C ILE B 164 13.92 8.11 4.52
N ILE B 165 13.80 8.65 5.73
CA ILE B 165 14.11 10.06 5.93
C ILE B 165 15.60 10.37 5.70
N THR B 166 16.46 9.36 5.93
CA THR B 166 17.88 9.54 5.62
C THR B 166 18.01 9.73 4.14
N PHE B 167 17.28 8.91 3.39
CA PHE B 167 17.29 9.07 1.93
C PHE B 167 16.68 10.38 1.44
N VAL B 168 15.68 10.87 2.16
CA VAL B 168 15.11 12.18 1.84
C VAL B 168 16.14 13.30 2.05
N PHE B 169 16.87 13.28 3.16
CA PHE B 169 17.90 14.29 3.40
C PHE B 169 19.00 14.21 2.35
N TYR B 170 19.36 12.97 1.99
CA TYR B 170 20.35 12.77 0.94
C TYR B 170 19.91 13.31 -0.42
N TYR B 171 18.66 13.09 -0.80
CA TYR B 171 18.17 13.71 -2.03
C TYR B 171 17.95 15.21 -1.94
N PHE B 172 17.75 15.74 -0.74
CA PHE B 172 17.69 17.18 -0.58
C PHE B 172 19.06 17.69 -0.94
N ILE B 173 20.10 16.99 -0.47
CA ILE B 173 21.45 17.43 -0.77
C ILE B 173 21.69 17.35 -2.28
N LYS B 174 21.24 16.28 -2.90
CA LYS B 174 21.45 16.11 -4.34
C LYS B 174 20.80 17.20 -5.18
N LEU B 175 19.60 17.62 -4.78
CA LEU B 175 18.81 18.56 -5.55
C LEU B 175 19.11 20.01 -5.18
N LYS B 176 20.13 20.21 -4.34
CA LYS B 176 20.56 21.54 -3.91
C LYS B 176 19.43 22.25 -3.18
N ILE B 177 18.82 21.52 -2.25
CA ILE B 177 17.78 22.06 -1.40
C ILE B 177 18.33 22.09 0.02
N SER B 178 18.16 23.19 0.72
CA SER B 178 18.84 23.37 1.99
C SER B 178 17.84 23.24 3.11
N ILE B 179 18.25 22.55 4.16
CA ILE B 179 17.36 22.28 5.27
C ILE B 179 17.16 23.57 6.06
N PRO B 180 15.90 23.97 6.25
CA PRO B 180 15.58 25.22 6.97
C PRO B 180 15.50 25.00 8.48
N THR B 181 16.66 24.90 9.12
CA THR B 181 16.72 24.86 10.57
C THR B 181 17.98 25.56 11.06
N LYS B 182 17.87 26.22 12.21
CA LYS B 182 19.01 26.83 12.86
C LYS B 182 19.47 26.00 14.05
N ASP B 183 18.68 24.98 14.37
CA ASP B 183 18.92 24.16 15.55
C ASP B 183 20.24 23.43 15.30
N LYS B 184 21.14 23.47 16.29
CA LYS B 184 22.40 22.72 16.22
C LYS B 184 22.17 21.22 16.27
N ASN B 185 21.34 20.79 17.21
CA ASN B 185 21.15 19.36 17.45
C ASN B 185 20.57 18.68 16.22
N ILE B 186 19.63 19.34 15.54
CA ILE B 186 18.99 18.75 14.37
C ILE B 186 20.03 18.51 13.27
N ILE B 187 20.90 19.49 13.03
CA ILE B 187 21.96 19.34 12.04
C ILE B 187 22.95 18.25 12.42
N LYS B 188 23.17 18.08 13.72
CA LYS B 188 24.08 17.04 14.18
C LYS B 188 23.42 15.68 13.91
N GLU B 189 22.10 15.64 14.08
CA GLU B 189 21.32 14.43 13.92
C GLU B 189 21.24 14.00 12.46
N ILE B 190 20.99 14.97 11.58
CA ILE B 190 20.91 14.72 10.16
C ILE B 190 22.27 14.29 9.64
N LYS B 191 23.33 14.94 10.13
CA LYS B 191 24.69 14.57 9.73
C LYS B 191 24.98 13.14 10.21
N GLU B 192 24.52 12.83 11.42
CA GLU B 192 24.65 11.51 12.02
C GLU B 192 23.89 10.40 11.26
N LEU B 193 22.73 10.72 10.71
CA LEU B 193 21.96 9.80 9.87
C LEU B 193 22.65 9.46 8.57
N LEU B 194 23.18 10.50 7.93
CA LEU B 194 23.83 10.40 6.64
C LEU B 194 25.13 9.62 6.74
N SER B 195 25.56 9.38 7.99
CA SER B 195 26.82 8.69 8.27
C SER B 195 26.70 7.18 8.50
N GLU B 196 25.49 6.61 8.41
CA GLU B 196 25.34 5.19 8.74
C GLU B 196 26.07 4.39 7.69
N PRO B 197 26.64 3.24 8.08
CA PRO B 197 27.47 2.44 7.18
C PRO B 197 26.73 1.83 6.00
N ASN B 198 25.57 1.25 6.27
CA ASN B 198 24.76 0.65 5.23
C ASN B 198 24.27 1.69 4.23
N PHE B 199 23.98 2.89 4.74
CA PHE B 199 23.46 3.95 3.89
C PHE B 199 24.52 4.27 2.85
N ILE B 200 25.73 4.57 3.33
CA ILE B 200 26.84 4.94 2.46
C ILE B 200 27.17 3.80 1.53
N LYS B 201 27.06 2.58 2.05
CA LYS B 201 27.37 1.39 1.27
C LYS B 201 26.45 1.33 0.06
N THR B 202 25.17 1.60 0.31
CA THR B 202 24.15 1.65 -0.75
C THR B 202 24.38 2.80 -1.73
N ILE B 203 24.72 3.96 -1.19
CA ILE B 203 24.93 5.17 -1.98
C ILE B 203 26.12 5.07 -2.93
N LYS B 204 27.17 4.40 -2.46
CA LYS B 204 28.38 4.21 -3.25
C LYS B 204 28.13 3.40 -4.51
N ALA B 205 27.37 2.31 -4.39
CA ALA B 205 27.06 1.49 -5.57
C ALA B 205 25.66 1.84 -6.08
N LYS B 206 25.60 2.56 -7.19
CA LYS B 206 24.41 3.31 -7.54
C LYS B 206 23.14 2.51 -7.81
N GLY B 207 23.22 1.47 -8.63
CA GLY B 207 22.00 0.76 -8.99
C GLY B 207 21.94 -0.67 -8.50
N ALA B 208 22.91 -1.06 -7.69
CA ALA B 208 23.01 -2.45 -7.22
C ALA B 208 23.36 -2.53 -5.75
#